data_3HIO
#
_entry.id   3HIO
#
_cell.length_a   68.632
_cell.length_b   68.632
_cell.length_c   134.681
_cell.angle_alpha   90.00
_cell.angle_beta   90.00
_cell.angle_gamma   90.00
#
_symmetry.space_group_name_H-M   'P 41 21 2'
#
loop_
_entity.id
_entity.type
_entity.pdbx_description
1 polymer Ricin
2 non-polymer "9,9'-{(2R,3R,3aR,5S,7aR,9R,10R,10aR,12S,23R,25aR,27R,28R,28aR,30S,32aR,35aR,37S,39aR)-9-(6-amino-9H-purin-9-yl)-34-[(4-amino-5H-pyrrolo[3,2-d]pyrimidin-7-yl)methyl]-5,12,23,30,37-pentahydroxy-3,10,28-trimethoxy-5,12,23,30,37-pentaoxidotetracosahydro-2H,7H,25H-trifuro[3,2-f:3',2'-l:3'',2''-x]pyrrolo[3,4-r][1,3,5,9,11,15,17,21,23,27,29,2,4,10,16,22,28]undecaoxazapentaphosphacyclopentatriacontine-2,27-diyl}bis(2-amino-3,9-dihydro-6H-purin-6-one)"
3 non-polymer 'SULFATE ION'
4 water water
#
_entity_poly.entity_id   1
_entity_poly.type   'polypeptide(L)'
_entity_poly.pdbx_seq_one_letter_code
;MIFPKQYPIINFTTAGATVQSYTNFIRAVRGRLTTGADVRHEIPVLPNRVGLPINQRFILVELSNHAELSVTLALDVTNA
YVVGYRAGNSAYFFHPDNQEDAEAITHLFTDVQNRYTFAFGGNYDRLEQLAGNLRENIELGNGPLEEAISALYYYSTGGT
QLPTLARSFIICIQMISEAARFQYIEGEMRTRIRYNRRSAPDPSVITLENSWGRLSTAIQESNQGAFASPIQLQRRNGSK
FSVYDVSILIPIIALMVYRCAPPPSSQF
;
_entity_poly.pdbx_strand_id   A
#
loop_
_chem_comp.id
_chem_comp.type
_chem_comp.name
_chem_comp.formula
C2X non-polymer 9,9'-{(2R,3R,3aR,5S,7aR,9R,10R,10aR,12S,23R,25aR,27R,28R,28aR,30S,32aR,35aR,37S,39aR)-9-(6-amino-9H-purin-9-yl)-34-[(4-amino-5H-pyrrolo[3,2-d]pyrimidin-7-yl)methyl]-5,12,23,30,37-pentahydroxy-3,10,28-trimethoxy-5,12,23,30,37-pentaoxidotetracosahydro-2H,7H,25H-trifuro[3,2-f:3',2'-l:3'',2''-x]pyrrolo[3,4-r][1,3,5,9,11,15,17,21,23,27,29,2,4,10,16,22,28]undecaoxazapentaphosphacyclopentatriacontine-2,27-diyl}bis(2-amino-3,9-dihydro-6H-purin-6-one) 'C51 H72 N21 O29 P5'
SO4 non-polymer 'SULFATE ION' 'O4 S -2'
#
# COMPACT_ATOMS: atom_id res chain seq x y z
N GLN A 6 -13.03 12.90 -11.54
CA GLN A 6 -11.58 12.63 -11.71
C GLN A 6 -10.89 12.72 -10.35
N TYR A 7 -10.35 11.59 -9.91
CA TYR A 7 -9.71 11.52 -8.64
C TYR A 7 -8.34 12.20 -8.68
N PRO A 8 -7.83 12.58 -7.50
CA PRO A 8 -6.49 13.14 -7.45
C PRO A 8 -5.45 12.13 -7.97
N ILE A 9 -4.45 12.63 -8.69
CA ILE A 9 -3.40 11.80 -9.22
C ILE A 9 -2.06 12.24 -8.65
N ILE A 10 -1.27 11.28 -8.18
CA ILE A 10 0.11 11.53 -7.78
C ILE A 10 1.04 10.80 -8.76
N ASN A 11 2.06 11.46 -9.29
CA ASN A 11 2.99 10.81 -10.22
C ASN A 11 4.31 10.44 -9.57
N PHE A 12 4.86 9.29 -9.91
CA PHE A 12 6.21 8.93 -9.47
C PHE A 12 6.91 8.18 -10.59
N THR A 13 8.13 8.56 -10.90
CA THR A 13 8.91 7.73 -11.78
CA THR A 13 8.99 7.85 -11.82
C THR A 13 10.07 7.11 -11.04
N THR A 14 10.27 5.84 -11.28
CA THR A 14 11.38 5.11 -10.74
C THR A 14 12.63 5.48 -11.51
N ALA A 15 12.50 6.03 -12.71
CA ALA A 15 13.75 6.37 -13.42
C ALA A 15 14.47 7.50 -12.71
N GLY A 16 15.74 7.28 -12.34
CA GLY A 16 16.51 8.27 -11.58
C GLY A 16 15.97 8.60 -10.18
N ALA A 17 15.15 7.72 -9.60
CA ALA A 17 14.55 8.03 -8.31
C ALA A 17 15.65 8.22 -7.26
N THR A 18 15.41 9.11 -6.30
CA THR A 18 16.37 9.32 -5.23
C THR A 18 15.59 9.20 -3.93
N VAL A 19 16.32 9.23 -2.81
CA VAL A 19 15.69 9.19 -1.51
C VAL A 19 14.68 10.34 -1.43
N GLN A 20 15.12 11.51 -1.86
CA GLN A 20 14.23 12.65 -1.78
C GLN A 20 13.01 12.52 -2.68
N SER A 21 13.16 12.10 -3.92
CA SER A 21 11.97 12.05 -4.79
C SER A 21 10.97 10.96 -4.27
N TYR A 22 11.52 9.87 -3.75
CA TYR A 22 10.64 8.84 -3.20
C TYR A 22 9.90 9.34 -1.93
N THR A 23 10.64 10.03 -1.06
CA THR A 23 10.08 10.57 0.16
C THR A 23 8.98 11.58 -0.18
N ASN A 24 9.23 12.41 -1.19
CA ASN A 24 8.26 13.44 -1.56
C ASN A 24 7.01 12.74 -2.06
N PHE A 25 7.21 11.67 -2.82
CA PHE A 25 6.12 10.86 -3.35
C PHE A 25 5.27 10.26 -2.24
N ILE A 26 5.91 9.56 -1.30
CA ILE A 26 5.16 8.95 -0.21
C ILE A 26 4.43 10.01 0.61
N ARG A 27 5.07 11.17 0.80
CA ARG A 27 4.44 12.22 1.58
C ARG A 27 3.23 12.80 0.87
N ALA A 28 3.29 12.92 -0.45
CA ALA A 28 2.11 13.31 -1.24
C ALA A 28 0.97 12.26 -1.20
N VAL A 29 1.32 10.99 -1.37
CA VAL A 29 0.35 9.92 -1.17
C VAL A 29 -0.33 9.99 0.21
N ARG A 30 0.44 10.10 1.27
CA ARG A 30 -0.17 10.24 2.62
C ARG A 30 -1.09 11.46 2.70
N GLY A 31 -0.66 12.56 2.11
CA GLY A 31 -1.43 13.80 2.11
C GLY A 31 -2.75 13.72 1.39
N ARG A 32 -2.85 12.87 0.38
CA ARG A 32 -4.11 12.66 -0.33
C ARG A 32 -4.98 11.57 0.30
N LEU A 33 -4.36 10.72 1.12
CA LEU A 33 -5.07 9.63 1.78
C LEU A 33 -5.82 10.13 2.99
N THR A 34 -5.20 11.06 3.72
CA THR A 34 -5.72 11.54 4.99
C THR A 34 -6.33 12.92 4.83
N THR A 35 -7.62 13.04 5.07
CA THR A 35 -8.28 14.33 5.08
C THR A 35 -7.68 15.11 6.23
N GLY A 36 -6.86 14.44 7.05
CA GLY A 36 -6.32 15.03 8.27
C GLY A 36 -7.34 15.31 9.38
N ALA A 37 -8.56 14.81 9.22
CA ALA A 37 -9.63 15.08 10.15
C ALA A 37 -9.43 14.43 11.54
N ASP A 38 -8.95 13.20 11.49
CA ASP A 38 -8.99 12.28 12.62
C ASP A 38 -7.55 11.92 12.94
N VAL A 39 -6.99 12.51 13.99
CA VAL A 39 -5.71 12.10 14.48
C VAL A 39 -5.94 11.53 15.87
N ARG A 40 -5.23 10.46 16.22
CA ARG A 40 -5.36 9.90 17.57
C ARG A 40 -3.99 9.49 18.07
N HIS A 41 -3.64 9.95 19.27
CA HIS A 41 -2.30 9.73 19.80
C HIS A 41 -1.26 10.12 18.78
N GLU A 42 -1.55 11.25 18.14
CA GLU A 42 -0.67 11.86 17.15
C GLU A 42 -0.59 11.12 15.83
N ILE A 43 -1.31 10.02 15.67
CA ILE A 43 -1.24 9.27 14.43
C ILE A 43 -2.52 9.49 13.66
N PRO A 44 -2.40 9.97 12.40
CA PRO A 44 -3.62 10.19 11.62
C PRO A 44 -4.35 8.88 11.37
N VAL A 45 -5.67 8.96 11.36
CA VAL A 45 -6.51 7.84 10.99
C VAL A 45 -7.17 8.13 9.64
N LEU A 46 -7.24 7.12 8.80
CA LEU A 46 -7.85 7.28 7.52
C LEU A 46 -9.35 7.55 7.70
N PRO A 47 -9.98 8.19 6.70
CA PRO A 47 -11.41 8.49 6.80
C PRO A 47 -12.25 7.22 6.97
N ASN A 48 -13.27 7.31 7.82
CA ASN A 48 -14.25 6.24 7.95
C ASN A 48 -14.99 6.05 6.63
N ARG A 49 -15.01 4.80 6.19
CA ARG A 49 -15.69 4.38 5.01
C ARG A 49 -17.19 4.63 5.06
N VAL A 50 -17.82 4.35 6.19
CA VAL A 50 -19.24 4.63 6.30
C VAL A 50 -19.43 6.13 6.27
N GLY A 51 -19.97 6.65 5.18
CA GLY A 51 -20.30 8.07 5.10
C GLY A 51 -19.42 8.92 4.21
N LEU A 52 -18.24 8.41 3.86
CA LEU A 52 -17.34 9.05 2.89
C LEU A 52 -17.96 9.02 1.49
N PRO A 53 -17.99 10.18 0.82
CA PRO A 53 -18.67 10.24 -0.47
C PRO A 53 -17.81 9.58 -1.55
N ILE A 54 -18.47 8.90 -2.48
CA ILE A 54 -17.81 8.18 -3.54
C ILE A 54 -16.83 9.08 -4.31
N ASN A 55 -17.19 10.35 -4.50
CA ASN A 55 -16.30 11.30 -5.18
C ASN A 55 -14.95 11.51 -4.49
N GLN A 56 -14.82 11.02 -3.25
CA GLN A 56 -13.58 11.19 -2.49
C GLN A 56 -12.90 9.86 -2.13
N ARG A 57 -13.36 8.78 -2.76
CA ARG A 57 -13.07 7.42 -2.30
C ARG A 57 -11.66 6.94 -2.68
N PHE A 58 -11.17 7.40 -3.82
CA PHE A 58 -9.93 6.87 -4.39
C PHE A 58 -8.94 7.95 -4.67
N ILE A 59 -7.67 7.55 -4.70
CA ILE A 59 -6.66 8.36 -5.32
C ILE A 59 -5.95 7.55 -6.43
N LEU A 60 -5.32 8.26 -7.36
CA LEU A 60 -4.61 7.62 -8.46
C LEU A 60 -3.09 7.77 -8.32
N VAL A 61 -2.38 6.67 -8.46
CA VAL A 61 -0.93 6.71 -8.37
C VAL A 61 -0.39 6.31 -9.74
N GLU A 62 0.14 7.26 -10.48
CA GLU A 62 0.69 6.94 -11.79
C GLU A 62 2.19 6.70 -11.67
N LEU A 63 2.64 5.54 -12.12
CA LEU A 63 4.04 5.15 -12.01
C LEU A 63 4.58 5.04 -13.41
N SER A 64 5.75 5.63 -13.63
CA SER A 64 6.47 5.61 -14.90
C SER A 64 7.85 5.06 -14.65
N ASN A 65 8.48 4.54 -15.68
CA ASN A 65 9.79 3.98 -15.45
C ASN A 65 10.79 4.35 -16.54
N HIS A 66 11.98 3.76 -16.46
CA HIS A 66 13.06 4.11 -17.40
C HIS A 66 12.75 3.64 -18.82
N ALA A 67 11.89 2.63 -18.94
CA ALA A 67 11.53 2.08 -20.25
C ALA A 67 10.45 2.97 -20.87
N GLU A 68 10.13 4.06 -20.19
CA GLU A 68 9.12 5.05 -20.63
C GLU A 68 7.72 4.44 -20.61
N LEU A 69 7.45 3.49 -19.72
CA LEU A 69 6.14 2.90 -19.65
C LEU A 69 5.44 3.41 -18.38
N SER A 70 4.11 3.49 -18.43
CA SER A 70 3.33 4.02 -17.30
CA SER A 70 3.35 4.01 -17.29
C SER A 70 2.15 3.12 -16.99
N VAL A 71 1.86 2.95 -15.69
CA VAL A 71 0.63 2.34 -15.26
C VAL A 71 0.07 3.24 -14.16
N THR A 72 -1.23 3.18 -13.91
CA THR A 72 -1.85 4.00 -12.87
C THR A 72 -2.60 3.11 -11.90
N LEU A 73 -2.17 3.07 -10.63
CA LEU A 73 -2.81 2.24 -9.62
C LEU A 73 -3.95 3.03 -9.01
N ALA A 74 -4.99 2.33 -8.56
CA ALA A 74 -6.06 2.98 -7.82
C ALA A 74 -5.98 2.55 -6.37
N LEU A 75 -5.88 3.53 -5.46
CA LEU A 75 -5.90 3.27 -4.01
C LEU A 75 -7.19 3.80 -3.34
N ASP A 76 -7.78 2.95 -2.51
CA ASP A 76 -8.92 3.26 -1.64
C ASP A 76 -8.41 4.06 -0.44
N VAL A 77 -8.92 5.27 -0.26
CA VAL A 77 -8.42 6.13 0.81
C VAL A 77 -8.76 5.59 2.22
N THR A 78 -9.76 4.73 2.33
CA THR A 78 -10.18 4.27 3.65
C THR A 78 -9.19 3.30 4.25
N ASN A 79 -8.43 2.59 3.40
CA ASN A 79 -7.45 1.63 3.92
C ASN A 79 -6.15 1.51 3.10
N ALA A 80 -5.94 2.47 2.21
CA ALA A 80 -4.75 2.48 1.34
C ALA A 80 -4.58 1.19 0.54
N TYR A 81 -5.66 0.52 0.23
CA TYR A 81 -5.62 -0.73 -0.52
C TYR A 81 -5.58 -0.47 -2.03
N VAL A 82 -4.70 -1.16 -2.75
CA VAL A 82 -4.62 -1.06 -4.19
C VAL A 82 -5.71 -1.95 -4.75
N VAL A 83 -6.70 -1.34 -5.43
CA VAL A 83 -7.90 -2.10 -5.76
C VAL A 83 -7.88 -2.43 -7.22
N GLY A 84 -6.91 -1.85 -7.94
CA GLY A 84 -6.72 -2.13 -9.35
C GLY A 84 -5.76 -1.16 -10.01
N TYR A 85 -5.75 -1.20 -11.33
CA TYR A 85 -4.87 -0.34 -12.09
C TYR A 85 -5.26 -0.25 -13.56
N ARG A 86 -4.76 0.80 -14.20
CA ARG A 86 -4.97 1.00 -15.65
C ARG A 86 -3.61 0.96 -16.36
N ALA A 87 -3.61 0.41 -17.56
CA ALA A 87 -2.44 0.39 -18.43
C ALA A 87 -2.97 0.50 -19.86
N GLY A 88 -2.65 1.59 -20.53
CA GLY A 88 -3.08 1.74 -21.91
C GLY A 88 -4.58 1.86 -21.92
N ASN A 89 -5.24 1.05 -22.73
CA ASN A 89 -6.68 1.17 -22.89
C ASN A 89 -7.45 0.15 -22.06
N SER A 90 -6.85 -0.28 -20.96
CA SER A 90 -7.48 -1.27 -20.11
C SER A 90 -7.39 -0.87 -18.65
N ALA A 91 -8.33 -1.41 -17.87
CA ALA A 91 -8.29 -1.30 -16.42
C ALA A 91 -8.54 -2.70 -15.85
N TYR A 92 -7.88 -2.99 -14.74
CA TYR A 92 -8.05 -4.27 -14.10
C TYR A 92 -8.24 -4.06 -12.61
N PHE A 93 -9.19 -4.80 -12.04
CA PHE A 93 -9.50 -4.65 -10.65
C PHE A 93 -9.41 -5.98 -9.93
N PHE A 94 -8.90 -5.97 -8.69
CA PHE A 94 -9.05 -7.15 -7.83
C PHE A 94 -10.54 -7.41 -7.54
N HIS A 95 -10.92 -8.67 -7.34
CA HIS A 95 -12.30 -8.98 -6.96
C HIS A 95 -12.66 -8.23 -5.68
N PRO A 96 -13.78 -7.50 -5.70
CA PRO A 96 -14.27 -6.65 -4.58
C PRO A 96 -14.71 -7.45 -3.36
N ASP A 97 -14.47 -6.93 -2.17
CA ASP A 97 -14.85 -7.68 -0.97
C ASP A 97 -16.32 -7.51 -0.56
N ASN A 98 -17.06 -6.65 -1.25
CA ASN A 98 -18.50 -6.52 -1.01
C ASN A 98 -19.16 -5.63 -2.05
N GLN A 99 -20.50 -5.66 -2.08
CA GLN A 99 -21.25 -4.93 -3.08
C GLN A 99 -20.93 -3.46 -2.99
N GLU A 100 -20.70 -2.97 -1.78
CA GLU A 100 -20.43 -1.56 -1.59
C GLU A 100 -19.17 -1.20 -2.40
N ASP A 101 -18.10 -1.95 -2.14
CA ASP A 101 -16.83 -1.76 -2.87
C ASP A 101 -16.98 -2.06 -4.38
N ALA A 102 -17.72 -3.10 -4.73
CA ALA A 102 -18.01 -3.39 -6.12
C ALA A 102 -18.61 -2.16 -6.77
N GLU A 103 -19.50 -1.48 -6.06
CA GLU A 103 -20.14 -0.32 -6.64
C GLU A 103 -19.13 0.82 -6.77
N ALA A 104 -18.33 1.01 -5.72
CA ALA A 104 -17.34 2.08 -5.72
C ALA A 104 -16.43 2.02 -6.93
N ILE A 105 -16.01 0.82 -7.32
CA ILE A 105 -14.98 0.73 -8.36
C ILE A 105 -15.46 1.04 -9.77
N THR A 106 -16.77 0.95 -9.99
CA THR A 106 -17.34 1.30 -11.31
C THR A 106 -17.07 2.76 -11.60
N HIS A 107 -16.68 3.49 -10.56
CA HIS A 107 -16.36 4.91 -10.71
C HIS A 107 -14.92 5.12 -11.15
N LEU A 108 -14.17 4.04 -11.25
CA LEU A 108 -12.75 4.13 -11.59
C LEU A 108 -12.47 3.86 -13.07
N PHE A 109 -11.58 4.66 -13.64
CA PHE A 109 -11.07 4.46 -15.01
C PHE A 109 -12.21 4.25 -16.00
N THR A 110 -13.20 5.10 -15.90
CA THR A 110 -14.44 4.90 -16.64
C THR A 110 -14.24 5.12 -18.14
N ASP A 111 -13.12 5.73 -18.52
CA ASP A 111 -12.89 6.01 -19.93
C ASP A 111 -12.11 4.89 -20.63
N VAL A 112 -11.71 3.85 -19.90
CA VAL A 112 -10.95 2.79 -20.54
C VAL A 112 -11.87 1.87 -21.32
N GLN A 113 -11.31 1.16 -22.30
CA GLN A 113 -12.12 0.35 -23.19
C GLN A 113 -12.35 -1.06 -22.66
N ASN A 114 -11.35 -1.61 -21.99
CA ASN A 114 -11.40 -2.99 -21.60
C ASN A 114 -11.22 -3.10 -20.10
N ARG A 115 -12.31 -3.35 -19.39
CA ARG A 115 -12.24 -3.53 -17.95
C ARG A 115 -12.43 -4.99 -17.58
N TYR A 116 -11.46 -5.53 -16.83
CA TYR A 116 -11.52 -6.88 -16.29
C TYR A 116 -11.48 -6.80 -14.76
N THR A 117 -12.33 -7.56 -14.10
CA THR A 117 -12.19 -7.74 -12.68
C THR A 117 -11.65 -9.14 -12.47
N PHE A 118 -10.44 -9.23 -11.91
CA PHE A 118 -9.84 -10.50 -11.59
C PHE A 118 -10.82 -11.31 -10.75
N ALA A 119 -10.71 -12.64 -10.79
CA ALA A 119 -11.57 -13.46 -9.94
C ALA A 119 -10.92 -13.58 -8.58
N PHE A 120 -9.66 -13.14 -8.51
CA PHE A 120 -8.94 -13.14 -7.24
C PHE A 120 -8.83 -11.75 -6.62
N GLY A 121 -8.78 -11.73 -5.29
CA GLY A 121 -8.66 -10.52 -4.52
C GLY A 121 -7.19 -10.19 -4.42
N GLY A 122 -6.89 -9.07 -3.77
CA GLY A 122 -5.54 -8.52 -3.76
C GLY A 122 -4.80 -8.78 -2.46
N ASN A 123 -5.31 -9.70 -1.65
CA ASN A 123 -4.63 -10.11 -0.41
C ASN A 123 -3.26 -10.84 -0.63
N TYR A 124 -2.33 -10.69 0.31
CA TYR A 124 -0.98 -11.28 0.17
C TYR A 124 -0.96 -12.79 -0.02
N ASP A 125 -1.69 -13.51 0.82
CA ASP A 125 -1.72 -14.96 0.70
C ASP A 125 -2.12 -15.35 -0.73
N ARG A 126 -3.15 -14.71 -1.26
CA ARG A 126 -3.55 -15.03 -2.63
C ARG A 126 -2.46 -14.66 -3.64
N LEU A 127 -1.86 -13.50 -3.49
CA LEU A 127 -0.85 -13.07 -4.46
C LEU A 127 0.39 -13.96 -4.38
N GLU A 128 0.74 -14.37 -3.16
CA GLU A 128 1.93 -15.19 -2.95
C GLU A 128 1.75 -16.58 -3.57
N GLN A 129 0.50 -17.03 -3.57
CA GLN A 129 0.20 -18.30 -4.19
C GLN A 129 0.29 -18.14 -5.68
N LEU A 130 -0.34 -17.09 -6.20
CA LEU A 130 -0.29 -16.85 -7.65
C LEU A 130 1.18 -16.67 -8.08
N ALA A 131 1.95 -15.93 -7.29
CA ALA A 131 3.36 -15.68 -7.60
C ALA A 131 4.28 -16.88 -7.40
N GLY A 132 3.85 -17.83 -6.58
CA GLY A 132 4.67 -19.02 -6.28
C GLY A 132 5.78 -18.74 -5.27
N ASN A 133 5.66 -17.63 -4.54
CA ASN A 133 6.72 -17.19 -3.64
C ASN A 133 6.18 -16.36 -2.47
N LEU A 134 6.79 -16.51 -1.30
CA LEU A 134 6.48 -15.63 -0.15
C LEU A 134 7.17 -14.25 -0.22
N ARG A 135 6.58 -13.27 0.46
CA ARG A 135 7.12 -11.93 0.53
C ARG A 135 8.60 -11.96 0.88
N GLU A 136 8.99 -12.86 1.79
CA GLU A 136 10.38 -12.87 2.25
C GLU A 136 11.34 -13.31 1.14
N ASN A 137 10.79 -13.81 0.04
CA ASN A 137 11.65 -14.21 -1.08
C ASN A 137 11.58 -13.29 -2.27
N ILE A 138 10.88 -12.17 -2.14
CA ILE A 138 10.71 -11.27 -3.29
C ILE A 138 11.45 -9.96 -3.02
N GLU A 139 12.45 -9.63 -3.84
CA GLU A 139 13.27 -8.43 -3.57
C GLU A 139 12.49 -7.15 -3.81
N LEU A 140 12.81 -6.13 -3.00
CA LEU A 140 12.15 -4.83 -3.08
C LEU A 140 13.25 -3.79 -3.31
N GLY A 141 12.89 -2.67 -3.91
CA GLY A 141 13.90 -1.70 -4.27
C GLY A 141 13.49 -1.01 -5.55
N ASN A 142 14.35 -0.10 -6.03
CA ASN A 142 14.00 0.66 -7.19
C ASN A 142 14.03 -0.22 -8.45
N GLY A 143 15.02 -1.11 -8.56
CA GLY A 143 15.06 -2.04 -9.67
C GLY A 143 13.78 -2.88 -9.69
N PRO A 144 13.47 -3.54 -8.57
CA PRO A 144 12.27 -4.38 -8.64
C PRO A 144 11.03 -3.56 -9.01
N LEU A 145 10.96 -2.29 -8.61
CA LEU A 145 9.73 -1.52 -8.87
C LEU A 145 9.69 -1.13 -10.36
N GLU A 146 10.85 -0.78 -10.90
CA GLU A 146 10.99 -0.48 -12.32
C GLU A 146 10.48 -1.70 -13.17
N GLU A 147 10.88 -2.91 -12.77
CA GLU A 147 10.49 -4.12 -13.49
C GLU A 147 9.02 -4.45 -13.29
N ALA A 148 8.50 -4.20 -12.08
CA ALA A 148 7.09 -4.38 -11.80
C ALA A 148 6.25 -3.52 -12.71
N ILE A 149 6.68 -2.27 -12.95
CA ILE A 149 5.91 -1.37 -13.80
C ILE A 149 5.86 -1.94 -15.22
N SER A 150 7.00 -2.37 -15.76
CA SER A 150 6.99 -3.00 -17.09
C SER A 150 6.07 -4.23 -17.10
N ALA A 151 6.09 -5.02 -16.03
CA ALA A 151 5.26 -6.23 -16.03
C ALA A 151 3.76 -5.90 -16.03
N LEU A 152 3.35 -4.92 -15.21
CA LEU A 152 1.94 -4.49 -15.19
C LEU A 152 1.51 -3.98 -16.56
N TYR A 153 2.36 -3.15 -17.16
CA TYR A 153 2.07 -2.62 -18.48
C TYR A 153 1.92 -3.72 -19.52
N TYR A 154 2.88 -4.64 -19.59
CA TYR A 154 2.82 -5.67 -20.60
C TYR A 154 1.74 -6.72 -20.39
N TYR A 155 1.13 -6.76 -19.21
CA TYR A 155 -0.04 -7.62 -19.01
C TYR A 155 -1.18 -7.17 -19.92
N SER A 156 -1.35 -5.86 -20.04
CA SER A 156 -2.44 -5.36 -20.88
C SER A 156 -2.29 -5.78 -22.34
N THR A 157 -1.06 -6.11 -22.76
CA THR A 157 -0.78 -6.51 -24.13
C THR A 157 -0.58 -8.01 -24.31
N GLY A 158 -0.71 -8.77 -23.23
CA GLY A 158 -0.55 -10.21 -23.30
C GLY A 158 0.88 -10.74 -23.18
N GLY A 159 1.82 -9.90 -22.79
CA GLY A 159 3.21 -10.34 -22.63
C GLY A 159 3.67 -10.58 -21.20
N THR A 160 2.75 -10.57 -20.24
CA THR A 160 3.07 -10.85 -18.84
C THR A 160 2.27 -12.04 -18.33
N GLN A 161 2.94 -13.01 -17.73
CA GLN A 161 2.25 -14.12 -17.09
C GLN A 161 1.74 -13.73 -15.72
N LEU A 162 0.81 -14.52 -15.16
CA LEU A 162 0.15 -14.14 -13.90
C LEU A 162 1.07 -14.22 -12.68
N PRO A 163 2.02 -15.17 -12.71
CA PRO A 163 2.96 -15.22 -11.60
C PRO A 163 3.74 -13.92 -11.54
N THR A 164 4.17 -13.45 -12.70
CA THR A 164 4.94 -12.22 -12.76
C THR A 164 4.07 -11.03 -12.39
N LEU A 165 2.86 -10.99 -12.93
CA LEU A 165 1.90 -9.96 -12.55
C LEU A 165 1.72 -9.94 -11.00
N ALA A 166 1.48 -11.11 -10.43
CA ALA A 166 1.32 -11.22 -8.97
C ALA A 166 2.54 -10.74 -8.13
N ARG A 167 3.74 -11.18 -8.52
CA ARG A 167 4.95 -10.73 -7.85
C ARG A 167 5.10 -9.20 -8.02
N SER A 168 4.64 -8.69 -9.15
CA SER A 168 4.72 -7.27 -9.41
C SER A 168 3.72 -6.49 -8.53
N PHE A 169 2.52 -7.01 -8.32
CA PHE A 169 1.62 -6.38 -7.35
C PHE A 169 2.23 -6.36 -5.94
N ILE A 170 2.87 -7.46 -5.57
CA ILE A 170 3.41 -7.61 -4.22
C ILE A 170 4.47 -6.51 -4.00
N ILE A 171 5.28 -6.26 -5.02
CA ILE A 171 6.30 -5.19 -4.94
C ILE A 171 5.65 -3.82 -4.87
N CYS A 172 4.67 -3.54 -5.75
CA CYS A 172 3.98 -2.24 -5.68
C CYS A 172 3.29 -2.01 -4.36
N ILE A 173 2.57 -3.03 -3.88
CA ILE A 173 1.78 -2.85 -2.67
C ILE A 173 2.73 -2.52 -1.52
N GLN A 174 3.89 -3.16 -1.48
CA GLN A 174 4.79 -2.86 -0.33
C GLN A 174 5.49 -1.50 -0.46
N MET A 175 5.95 -1.16 -1.65
CA MET A 175 6.68 0.08 -1.82
C MET A 175 5.82 1.34 -1.84
N ILE A 176 4.52 1.18 -2.06
CA ILE A 176 3.57 2.29 -2.06
C ILE A 176 2.63 2.25 -0.84
N SER A 177 1.67 1.32 -0.79
CA SER A 177 0.72 1.27 0.32
C SER A 177 1.39 1.00 1.68
N GLU A 178 2.25 -0.01 1.79
CA GLU A 178 2.86 -0.30 3.12
C GLU A 178 3.82 0.82 3.56
N ALA A 179 4.54 1.42 2.61
CA ALA A 179 5.38 2.54 2.97
C ALA A 179 4.49 3.78 3.36
N ALA A 180 3.35 3.97 2.71
CA ALA A 180 2.47 5.11 3.13
C ALA A 180 2.00 4.86 4.58
N ARG A 181 1.63 3.62 4.88
CA ARG A 181 1.11 3.25 6.25
C ARG A 181 2.17 3.36 7.35
N PHE A 182 3.41 2.96 7.04
CA PHE A 182 4.49 2.87 8.06
C PHE A 182 5.71 3.71 7.71
N GLN A 183 6.01 4.76 8.48
CA GLN A 183 7.28 5.46 8.27
C GLN A 183 8.40 4.48 8.32
N TYR A 184 8.28 3.44 9.13
CA TYR A 184 9.40 2.47 9.24
C TYR A 184 9.66 1.74 7.93
N ILE A 185 8.61 1.29 7.26
CA ILE A 185 8.77 0.67 5.95
C ILE A 185 9.23 1.67 4.88
N GLU A 186 8.69 2.88 4.92
CA GLU A 186 9.18 3.93 4.05
C GLU A 186 10.71 4.07 4.23
N GLY A 187 11.15 4.07 5.48
CA GLY A 187 12.59 4.13 5.79
C GLY A 187 13.40 2.96 5.20
N GLU A 188 12.90 1.73 5.31
CA GLU A 188 13.57 0.58 4.69
C GLU A 188 13.64 0.73 3.17
N MET A 189 12.62 1.34 2.56
CA MET A 189 12.68 1.51 1.11
C MET A 189 13.63 2.63 0.76
N ARG A 190 13.61 3.70 1.54
CA ARG A 190 14.58 4.76 1.34
C ARG A 190 16.02 4.26 1.36
N THR A 191 16.34 3.41 2.32
CA THR A 191 17.70 2.84 2.40
C THR A 191 18.09 2.05 1.14
N ARG A 192 17.14 1.26 0.62
CA ARG A 192 17.37 0.51 -0.62
C ARG A 192 17.70 1.44 -1.79
N ILE A 193 16.95 2.52 -1.88
CA ILE A 193 17.15 3.53 -2.92
C ILE A 193 18.47 4.25 -2.71
N ARG A 194 18.75 4.65 -1.48
CA ARG A 194 19.99 5.38 -1.15
C ARG A 194 21.24 4.64 -1.63
N TYR A 195 21.27 3.32 -1.43
CA TYR A 195 22.46 2.52 -1.78
C TYR A 195 22.23 1.70 -3.08
N ASN A 196 21.15 2.03 -3.81
CA ASN A 196 20.78 1.32 -5.02
C ASN A 196 20.92 -0.18 -4.82
N ARG A 197 20.26 -0.69 -3.79
CA ARG A 197 20.26 -2.09 -3.50
C ARG A 197 18.81 -2.63 -3.55
N ARG A 198 18.69 -3.93 -3.81
CA ARG A 198 17.42 -4.59 -3.71
C ARG A 198 17.64 -5.70 -2.71
N SER A 199 16.64 -5.97 -1.91
CA SER A 199 16.66 -7.14 -1.05
C SER A 199 15.25 -7.38 -0.54
N ALA A 200 14.98 -8.63 -0.22
CA ALA A 200 13.68 -9.02 0.30
C ALA A 200 13.44 -8.35 1.66
N PRO A 201 12.19 -8.16 2.04
CA PRO A 201 11.92 -7.53 3.34
C PRO A 201 12.31 -8.45 4.52
N ASP A 202 12.90 -7.88 5.57
CA ASP A 202 13.28 -8.67 6.76
C ASP A 202 12.04 -8.92 7.62
N PRO A 203 12.14 -9.77 8.66
CA PRO A 203 10.96 -10.09 9.46
C PRO A 203 10.27 -8.87 10.10
N SER A 204 11.00 -7.81 10.38
CA SER A 204 10.39 -6.65 11.03
C SER A 204 9.37 -6.01 10.09
N VAL A 205 9.72 -5.97 8.81
CA VAL A 205 8.80 -5.43 7.79
C VAL A 205 7.57 -6.30 7.60
N ILE A 206 7.78 -7.59 7.46
CA ILE A 206 6.68 -8.55 7.25
C ILE A 206 5.70 -8.54 8.42
N THR A 207 6.21 -8.56 9.65
CA THR A 207 5.35 -8.60 10.82
CA THR A 207 5.32 -8.61 10.80
C THR A 207 4.55 -7.29 10.99
N LEU A 208 5.20 -6.15 10.68
CA LEU A 208 4.46 -4.88 10.69
C LEU A 208 3.32 -4.92 9.68
N GLU A 209 3.65 -5.31 8.46
CA GLU A 209 2.62 -5.44 7.39
C GLU A 209 1.46 -6.30 7.88
N ASN A 210 1.76 -7.43 8.51
CA ASN A 210 0.72 -8.38 8.96
C ASN A 210 -0.06 -7.85 10.18
N SER A 211 0.43 -6.77 10.79
CA SER A 211 -0.12 -6.31 12.06
C SER A 211 -0.80 -4.93 11.99
N TRP A 212 -0.95 -4.37 10.80
CA TRP A 212 -1.50 -3.03 10.66
C TRP A 212 -2.88 -2.86 11.29
N GLY A 213 -3.80 -3.75 10.95
CA GLY A 213 -5.15 -3.70 11.52
C GLY A 213 -5.18 -3.86 13.03
N ARG A 214 -4.41 -4.81 13.55
CA ARG A 214 -4.46 -5.02 14.98
C ARG A 214 -3.75 -3.89 15.75
N LEU A 215 -2.64 -3.35 15.18
CA LEU A 215 -2.01 -2.17 15.77
C LEU A 215 -3.01 -1.00 15.78
N SER A 216 -3.70 -0.81 14.65
CA SER A 216 -4.69 0.23 14.57
C SER A 216 -5.75 0.10 15.65
N THR A 217 -6.30 -1.10 15.83
CA THR A 217 -7.31 -1.30 16.87
C THR A 217 -6.72 -1.10 18.26
N ALA A 218 -5.54 -1.63 18.49
CA ALA A 218 -5.00 -1.52 19.83
C ALA A 218 -4.81 -0.06 20.21
N ILE A 219 -4.36 0.74 19.25
CA ILE A 219 -4.13 2.14 19.57
C ILE A 219 -5.47 2.86 19.80
N GLN A 220 -6.44 2.60 18.95
CA GLN A 220 -7.74 3.28 19.06
C GLN A 220 -8.54 2.82 20.28
N GLU A 221 -8.30 1.59 20.76
CA GLU A 221 -8.97 1.15 21.98
C GLU A 221 -8.10 1.33 23.25
N SER A 222 -6.91 1.90 23.11
CA SER A 222 -5.98 1.99 24.25
C SER A 222 -6.54 2.83 25.39
N ASN A 223 -6.05 2.59 26.60
CA ASN A 223 -6.44 3.45 27.70
C ASN A 223 -5.38 4.53 27.87
N GLN A 224 -5.64 5.72 27.31
CA GLN A 224 -4.69 6.83 27.38
C GLN A 224 -3.35 6.48 26.69
N GLY A 225 -3.41 5.59 25.68
CA GLY A 225 -2.21 5.14 24.96
C GLY A 225 -1.68 3.78 25.40
N ALA A 226 -2.08 3.30 26.56
CA ALA A 226 -1.62 2.01 27.10
C ALA A 226 -2.48 0.83 26.60
N PHE A 227 -1.84 -0.22 26.11
CA PHE A 227 -2.58 -1.37 25.54
C PHE A 227 -3.01 -2.30 26.66
N ALA A 228 -4.22 -2.83 26.58
CA ALA A 228 -4.58 -3.83 27.59
C ALA A 228 -3.85 -5.13 27.34
N SER A 229 -3.59 -5.42 26.07
CA SER A 229 -2.90 -6.63 25.65
C SER A 229 -1.70 -6.24 24.79
N PRO A 230 -0.49 -6.66 25.15
CA PRO A 230 0.65 -6.33 24.29
C PRO A 230 0.54 -6.93 22.88
N ILE A 231 1.16 -6.31 21.89
CA ILE A 231 1.24 -6.91 20.54
C ILE A 231 2.68 -7.28 20.23
N GLN A 232 2.88 -8.52 19.77
CA GLN A 232 4.21 -9.03 19.49
C GLN A 232 4.65 -8.64 18.09
N LEU A 233 5.76 -7.94 17.98
CA LEU A 233 6.31 -7.63 16.65
C LEU A 233 7.67 -8.29 16.59
N GLN A 234 8.36 -8.17 15.46
CA GLN A 234 9.66 -8.82 15.31
C GLN A 234 10.73 -7.79 14.97
N ARG A 235 11.94 -8.02 15.49
CA ARG A 235 13.11 -7.24 15.11
C ARG A 235 13.64 -7.70 13.77
N ARG A 236 14.63 -6.98 13.26
CA ARG A 236 15.13 -7.25 11.93
C ARG A 236 15.80 -8.61 11.91
N ASN A 237 16.23 -9.10 13.07
CA ASN A 237 16.84 -10.41 13.14
C ASN A 237 15.84 -11.53 13.44
N GLY A 238 14.54 -11.20 13.50
CA GLY A 238 13.53 -12.26 13.69
C GLY A 238 13.12 -12.48 15.14
N SER A 239 13.87 -11.91 16.08
CA SER A 239 13.50 -12.04 17.48
C SER A 239 12.25 -11.21 17.81
N LYS A 240 11.51 -11.61 18.83
CA LYS A 240 10.25 -10.97 19.12
C LYS A 240 10.40 -9.88 20.17
N PHE A 241 9.53 -8.87 20.12
CA PHE A 241 9.45 -7.94 21.23
C PHE A 241 8.04 -7.38 21.29
N SER A 242 7.59 -7.05 22.49
CA SER A 242 6.22 -6.68 22.74
C SER A 242 6.03 -5.18 22.78
N VAL A 243 4.93 -4.72 22.19
CA VAL A 243 4.55 -3.34 22.28
C VAL A 243 3.43 -3.22 23.33
N TYR A 244 3.59 -2.31 24.29
CA TYR A 244 2.62 -2.14 25.37
C TYR A 244 1.94 -0.77 25.30
N ASP A 245 2.34 0.06 24.34
CA ASP A 245 1.93 1.46 24.40
C ASP A 245 2.09 2.10 23.04
N VAL A 246 1.23 3.06 22.73
CA VAL A 246 1.31 3.79 21.47
C VAL A 246 2.62 4.58 21.27
N SER A 247 3.26 4.99 22.36
CA SER A 247 4.45 5.88 22.28
C SER A 247 5.54 5.36 21.36
N ILE A 248 5.87 4.07 21.45
CA ILE A 248 6.94 3.60 20.59
C ILE A 248 6.52 3.35 19.15
N LEU A 249 5.22 3.43 18.86
CA LEU A 249 4.73 3.29 17.49
C LEU A 249 4.61 4.62 16.76
N ILE A 250 4.65 5.73 17.49
CA ILE A 250 4.52 7.06 16.85
C ILE A 250 5.54 7.29 15.71
N PRO A 251 6.79 6.85 15.88
CA PRO A 251 7.78 6.95 14.83
C PRO A 251 7.67 5.83 13.80
N ILE A 252 6.81 4.85 14.04
CA ILE A 252 6.72 3.67 13.19
C ILE A 252 5.55 3.67 12.20
N ILE A 253 4.39 4.04 12.70
CA ILE A 253 3.16 3.99 11.94
C ILE A 253 2.74 5.39 11.55
N ALA A 254 2.46 5.60 10.27
CA ALA A 254 2.15 6.92 9.76
C ALA A 254 0.64 7.14 9.60
N LEU A 255 -0.09 6.05 9.39
CA LEU A 255 -1.53 6.08 9.13
C LEU A 255 -2.15 4.83 9.73
N MET A 256 -3.33 4.98 10.33
CA MET A 256 -4.09 3.84 10.86
C MET A 256 -5.40 3.72 10.09
N VAL A 257 -5.93 2.50 10.00
CA VAL A 257 -7.26 2.30 9.46
C VAL A 257 -8.27 2.54 10.57
N TYR A 258 -9.42 3.06 10.20
CA TYR A 258 -10.49 3.30 11.15
C TYR A 258 -11.03 1.96 11.67
N ARG A 259 -10.99 1.78 12.98
CA ARG A 259 -11.50 0.56 13.62
C ARG A 259 -12.64 0.91 14.58
N CYS A 260 -12.51 2.02 15.28
N CYS A 260 -12.49 2.01 15.30
CA CYS A 260 -13.63 2.48 16.09
CA CYS A 260 -13.54 2.48 16.20
C CYS A 260 -13.71 3.99 16.12
C CYS A 260 -13.71 3.99 16.09
N ALA A 261 -14.90 4.50 16.45
CA ALA A 261 -15.09 5.93 16.55
C ALA A 261 -14.19 6.36 17.70
N PRO A 262 -13.66 7.58 17.64
CA PRO A 262 -12.87 8.11 18.75
C PRO A 262 -13.75 8.41 19.93
N PRO A 263 -13.26 8.16 21.15
CA PRO A 263 -14.13 8.39 22.30
C PRO A 263 -14.27 9.88 22.51
N PRO A 264 -15.38 10.31 23.11
CA PRO A 264 -15.46 11.75 23.42
C PRO A 264 -14.13 12.29 23.98
O6G C2X B . -12.05 -4.62 -2.60
C6G C2X B . -11.49 -4.20 -1.58
C5G C2X B . -10.87 -5.10 -0.61
N7G C2X B . -10.72 -6.43 -0.52
C8G C2X B . -10.05 -6.68 0.63
N1G C2X B . -11.43 -2.90 -1.34
C2G C2X B . -10.85 -2.39 -0.25
N2G C2X B . -10.88 -1.04 -0.13
N3G C2X B . -10.26 -3.15 0.70
C4G C2X B . -10.24 -4.50 0.58
N9G C2X B . -9.78 -5.53 1.28
C1E C2X B . -9.05 -5.45 2.57
C2E C2X B . -9.99 -5.41 3.76
O2E C2X B . -10.44 -4.10 4.02
C6E C2X B . -11.74 -3.86 3.46
C3E C2X B . -9.03 -5.85 4.84
O3E C2X B . -8.13 -4.77 4.94
PV C2X B . -7.97 -3.76 6.16
O2V C2X B . -8.18 -4.50 7.47
O1V C2X B . -8.79 -2.53 5.86
O5C C2X B . -6.43 -3.32 5.97
C5C C2X B . -5.27 -4.09 6.28
C4C C2X B . -4.75 -4.99 5.16
C7C C2X B . -3.81 -4.41 4.11
N1C C2X B . -2.78 -5.45 4.00
C6C C2X B . -1.58 -5.46 3.15
C9I C2X B . -2.09 -5.70 1.76
C8I C2X B . -2.36 -6.90 1.11
N7I C2X B . -2.86 -6.62 -0.13
C5I C2X B . -2.95 -5.30 -0.34
C6I C2X B . -3.35 -4.47 -1.39
N6I C2X B . -3.82 -5.00 -2.55
N1I C2X B . -3.30 -3.13 -1.25
C2I C2X B . -2.85 -2.58 -0.13
N3I C2X B . -2.45 -3.32 0.91
C4I C2X B . -2.47 -4.67 0.77
C2C C2X B . -2.98 -6.61 4.84
C3C C2X B . -3.83 -5.92 5.89
O3C C2X B . -4.68 -6.79 6.59
PY C2X B . -4.44 -7.03 8.14
O1Y C2X B . -3.79 -8.40 8.22
O2Y C2X B . -3.79 -5.83 8.78
O5D C2X B . -5.94 -7.11 8.66
C5D C2X B . -6.99 -6.86 7.76
C4D C2X B . -8.09 -7.76 8.28
O4D C2X B . -8.19 -8.91 7.46
C1D C2X B . -8.49 -10.07 8.24
N9N C2X B . -7.40 -11.06 8.05
C4N C2X B . -7.09 -11.68 6.91
N3N C2X B . -7.57 -11.66 5.63
C2N C2X B . -7.00 -12.42 4.65
N2N C2X B . -7.51 -12.39 3.40
N1N C2X B . -5.97 -13.25 4.87
C6N C2X B . -5.39 -13.37 6.08
O6N C2X B . -4.43 -14.14 6.24
C5N C2X B . -5.95 -12.55 7.20
N7N C2X B . -5.67 -12.40 8.51
C8N C2X B . -6.55 -11.49 9.01
C2D C2X B . -8.55 -9.58 9.69
O2D C2X B . -9.92 -9.29 10.01
C6D C2X B . -10.65 -10.42 10.48
C3D C2X B . -7.75 -8.29 9.66
O3D C2X B . -8.11 -7.37 10.70
O4E C2X B . -8.26 -6.61 2.76
C4E C2X B . -8.22 -6.93 4.16
C5E C2X B . -8.86 -8.28 4.39
O5E C2X B . -10.21 -8.11 3.97
PU C2X B . -11.37 -9.06 4.57
O1U C2X B . -12.69 -8.55 4.04
O2U C2X B . -10.93 -10.48 4.30
O3U C2X B . -11.32 -8.76 6.16
C1L C2X B . -12.19 -7.82 6.78
C2L C2X B . -11.64 -7.40 8.15
C3L C2X B . -12.19 -8.24 9.30
C4L C2X B . -11.89 -7.58 10.65
C5L C2X B . -11.81 -8.61 11.78
C6L C2X B . -12.35 -8.05 13.11
O6L C2X B . -11.53 -8.43 14.22
N6L C2X B . -12.01 -8.26 15.57
O3X C2X B . -11.35 -7.45 16.58
PX C2X B . -10.11 -8.03 17.44
O2X C2X B . -8.98 -7.02 17.43
O1X C2X B . -10.62 -8.55 18.75
O3B C2X B . -9.65 -9.31 16.56
C3B C2X B . -8.79 -9.21 15.43
C4B C2X B . -9.36 -10.12 14.34
C5B C2X B . -8.88 -9.67 12.97
O5B C2X B . -8.68 -8.25 13.02
PZ C2X B . -7.52 -7.45 12.20
O2Z C2X B . -6.25 -8.27 12.22
O1Z C2X B . -7.53 -6.05 12.76
C2B C2X B . -7.54 -9.94 15.79
O2B C2X B . -6.98 -9.53 17.04
C6B C2X B . -5.58 -9.26 16.93
C1B C2X B . -8.19 -11.28 15.93
O4B C2X B . -8.85 -11.43 14.66
N9A C2X B . -7.21 -12.32 16.30
C4A C2X B . -5.89 -12.13 16.46
C5A C2X B . -5.34 -13.34 16.84
N7A C2X B . -6.34 -14.23 16.91
C8A C2X B . -7.49 -13.61 16.59
N3A C2X B . -5.09 -11.05 16.31
C2A C2X B . -3.77 -11.14 16.53
N1A C2X B . -3.21 -12.31 16.89
C6A C2X B . -3.97 -13.41 17.05
N6A C2X B . -3.42 -14.60 17.42
S SO4 C . 17.46 15.06 -5.36
O1 SO4 C . 18.37 14.34 -4.45
O2 SO4 C . 18.24 15.50 -6.51
O3 SO4 C . 16.37 14.17 -5.79
O4 SO4 C . 16.88 16.21 -4.66
#